data_8BNY
#
_entry.id   8BNY
#
_cell.length_a   35.328
_cell.length_b   36.182
_cell.length_c   109.532
_cell.angle_alpha   90.000
_cell.angle_beta   90.000
_cell.angle_gamma   90.000
#
_symmetry.space_group_name_H-M   'P 21 21 21'
#
loop_
_entity.id
_entity.type
_entity.pdbx_description
1 polymer 'Immunity repressor protein'
2 non-polymer 'CHLORIDE ION'
3 water water
#
_entity_poly.entity_id   1
_entity_poly.type   'polypeptide(L)'
_entity_poly.pdbx_seq_one_letter_code
;MGNREQFDLSKYLLEKRKQKGLSQTQVANDTGLSSAYISMLEKGERKRPTQAVIKKLATALSIPNIEMLQIMEYIASMEE
DHVKEKDKDTSKQIKLFDLTGLTEASINQIQNQIDQLKSSENNSVIRFFDVTGLSEKDIERVKEEIELLKIRNEYMKLKK
D
;
_entity_poly.pdbx_strand_id   A,B,C,D
#
loop_
_chem_comp.id
_chem_comp.type
_chem_comp.name
_chem_comp.formula
CL non-polymer 'CHLORIDE ION' 'Cl -1'
#
# COMPACT_ATOMS: atom_id res chain seq x y z
N VAL A 125 -12.84 -6.90 16.55
CA VAL A 125 -13.42 -6.41 15.31
C VAL A 125 -12.84 -7.12 14.09
N ILE A 126 -13.65 -7.93 13.43
CA ILE A 126 -13.19 -8.78 12.34
C ILE A 126 -14.06 -8.53 11.12
N ARG A 127 -13.42 -8.16 10.01
CA ARG A 127 -14.06 -8.05 8.70
C ARG A 127 -13.56 -9.20 7.83
N PHE A 128 -14.43 -9.65 6.94
CA PHE A 128 -14.03 -10.54 5.86
C PHE A 128 -13.85 -9.74 4.57
N PHE A 129 -12.92 -10.21 3.74
CA PHE A 129 -12.66 -9.61 2.45
C PHE A 129 -12.53 -10.72 1.42
N ASP A 130 -12.99 -10.44 0.19
CA ASP A 130 -12.81 -11.36 -0.91
C ASP A 130 -11.37 -11.24 -1.40
N VAL A 131 -10.65 -12.36 -1.42
CA VAL A 131 -9.23 -12.37 -1.75
C VAL A 131 -8.99 -13.36 -2.90
N THR A 132 -10.00 -13.53 -3.75
CA THR A 132 -9.93 -14.53 -4.81
C THR A 132 -8.71 -14.30 -5.69
N GLY A 133 -7.89 -15.34 -5.82
CA GLY A 133 -6.71 -15.29 -6.66
C GLY A 133 -5.49 -14.66 -6.03
N LEU A 134 -5.61 -14.05 -4.84
CA LEU A 134 -4.45 -13.48 -4.19
C LEU A 134 -3.48 -14.58 -3.74
N SER A 135 -2.20 -14.39 -4.04
CA SER A 135 -1.19 -15.35 -3.65
C SER A 135 -0.89 -15.24 -2.16
N GLU A 136 -0.03 -16.14 -1.67
CA GLU A 136 0.36 -16.08 -0.27
C GLU A 136 1.08 -14.78 0.05
N LYS A 137 1.95 -14.31 -0.86
CA LYS A 137 2.63 -13.04 -0.61
C LYS A 137 1.69 -11.86 -0.78
N ASP A 138 0.69 -11.97 -1.65
CA ASP A 138 -0.32 -10.93 -1.76
C ASP A 138 -1.06 -10.74 -0.44
N ILE A 139 -1.47 -11.85 0.19
CA ILE A 139 -2.16 -11.78 1.48
C ILE A 139 -1.25 -11.16 2.53
N GLU A 140 0.06 -11.45 2.47
CA GLU A 140 0.99 -10.83 3.41
C GLU A 140 0.98 -9.31 3.27
N ARG A 141 0.97 -8.80 2.04
CA ARG A 141 0.94 -7.35 1.85
C ARG A 141 -0.31 -6.75 2.47
N VAL A 142 -1.47 -7.41 2.31
CA VAL A 142 -2.70 -6.92 2.91
C VAL A 142 -2.59 -6.88 4.43
N LYS A 143 -2.06 -7.95 5.02
CA LYS A 143 -1.88 -7.99 6.47
C LYS A 143 -0.97 -6.86 6.95
N GLU A 144 0.10 -6.58 6.19
CA GLU A 144 1.03 -5.52 6.58
C GLU A 144 0.37 -4.15 6.47
N GLU A 145 -0.43 -3.93 5.42
CA GLU A 145 -1.13 -2.65 5.31
C GLU A 145 -2.04 -2.45 6.51
N ILE A 146 -2.78 -3.48 6.90
CA ILE A 146 -3.62 -3.43 8.09
C ILE A 146 -2.78 -3.07 9.31
N GLU A 147 -1.63 -3.72 9.49
CA GLU A 147 -0.76 -3.42 10.63
C GLU A 147 -0.34 -1.96 10.63
N LEU A 148 0.06 -1.45 9.45
CA LEU A 148 0.51 -0.06 9.36
C LEU A 148 -0.58 0.90 9.80
N LEU A 149 -1.83 0.62 9.46
CA LEU A 149 -2.94 1.46 9.89
C LEU A 149 -3.19 1.36 11.39
N LYS A 150 -3.07 0.16 11.97
CA LYS A 150 -3.23 0.02 13.41
C LYS A 150 -2.18 0.82 14.16
N ILE A 151 -0.91 0.71 13.72
CA ILE A 151 0.17 1.44 14.37
C ILE A 151 -0.05 2.94 14.26
N ARG A 152 -0.47 3.43 13.09
CA ARG A 152 -0.79 4.85 12.99
C ARG A 152 -1.81 5.26 14.06
N ASN A 153 -2.78 4.38 14.33
CA ASN A 153 -3.79 4.72 15.32
C ASN A 153 -3.30 4.55 16.75
N GLU A 154 -2.45 3.56 17.02
CA GLU A 154 -1.81 3.50 18.34
C GLU A 154 -0.86 4.68 18.54
N TYR A 155 -0.17 5.09 17.47
CA TYR A 155 0.70 6.26 17.53
C TYR A 155 -0.10 7.55 17.71
N MET A 156 -1.34 7.58 17.21
CA MET A 156 -2.21 8.68 17.57
C MET A 156 -2.65 8.60 19.03
N LYS A 157 -2.79 7.38 19.55
CA LYS A 157 -3.24 7.18 20.94
C LYS A 157 -2.14 7.40 21.97
N LEU A 158 -0.88 7.18 21.60
CA LEU A 158 0.24 7.67 22.39
C LEU A 158 0.60 9.10 21.99
N LYS A 159 -0.43 9.92 21.84
CA LYS A 159 -0.38 11.25 21.21
C LYS A 159 0.84 12.09 21.54
N SER B 124 17.57 15.13 6.71
CA SER B 124 16.52 14.52 5.89
C SER B 124 17.11 13.82 4.67
N VAL B 125 16.31 12.99 4.00
CA VAL B 125 16.76 12.21 2.86
C VAL B 125 15.65 12.19 1.81
N ILE B 126 16.01 12.48 0.56
CA ILE B 126 15.07 12.33 -0.53
C ILE B 126 15.58 11.27 -1.50
N ARG B 127 14.64 10.63 -2.19
CA ARG B 127 14.96 9.65 -3.20
CA ARG B 127 14.92 9.59 -3.17
C ARG B 127 14.07 9.87 -4.41
N PHE B 128 14.59 9.47 -5.57
CA PHE B 128 13.94 9.70 -6.85
C PHE B 128 13.30 8.41 -7.34
N PHE B 129 12.03 8.49 -7.77
CA PHE B 129 11.26 7.36 -8.23
C PHE B 129 10.63 7.69 -9.57
N ASP B 130 10.61 6.71 -10.47
CA ASP B 130 9.93 6.86 -11.74
C ASP B 130 8.43 6.69 -11.48
N VAL B 131 7.65 7.72 -11.79
CA VAL B 131 6.21 7.66 -11.54
C VAL B 131 5.47 7.90 -12.84
N THR B 132 6.04 7.43 -13.95
CA THR B 132 5.47 7.69 -15.26
C THR B 132 4.04 7.19 -15.30
N GLY B 133 3.13 8.06 -15.71
CA GLY B 133 1.74 7.71 -15.89
C GLY B 133 0.86 7.91 -14.68
N LEU B 134 1.43 8.06 -13.48
CA LEU B 134 0.63 8.16 -12.28
C LEU B 134 -0.14 9.47 -12.28
N SER B 135 -1.40 9.42 -11.85
CA SER B 135 -2.18 10.63 -11.70
C SER B 135 -1.75 11.36 -10.43
N GLU B 136 -2.23 12.59 -10.28
CA GLU B 136 -2.00 13.32 -9.03
C GLU B 136 -2.46 12.51 -7.84
N LYS B 137 -3.65 11.92 -7.93
CA LYS B 137 -4.19 11.14 -6.82
C LYS B 137 -3.36 9.87 -6.58
N ASP B 138 -2.88 9.23 -7.65
CA ASP B 138 -1.94 8.13 -7.50
C ASP B 138 -0.71 8.54 -6.71
N ILE B 139 -0.12 9.68 -7.06
CA ILE B 139 1.05 10.20 -6.34
C ILE B 139 0.72 10.41 -4.87
N GLU B 140 -0.48 10.92 -4.58
CA GLU B 140 -0.91 11.09 -3.19
C GLU B 140 -0.95 9.76 -2.44
N ARG B 141 -1.40 8.69 -3.10
CA ARG B 141 -1.41 7.39 -2.41
C ARG B 141 0.01 6.95 -2.03
N VAL B 142 0.98 7.19 -2.91
CA VAL B 142 2.37 6.87 -2.61
C VAL B 142 2.84 7.69 -1.40
N LYS B 143 2.56 8.99 -1.40
CA LYS B 143 3.00 9.84 -0.30
C LYS B 143 2.41 9.38 1.02
N GLU B 144 1.14 8.95 0.98
CA GLU B 144 0.49 8.41 2.18
C GLU B 144 1.20 7.16 2.68
N GLU B 145 1.60 6.27 1.77
CA GLU B 145 2.29 5.05 2.16
C GLU B 145 3.63 5.39 2.83
N ILE B 146 4.38 6.32 2.24
CA ILE B 146 5.59 6.80 2.87
C ILE B 146 5.31 7.29 4.30
N GLU B 147 4.28 8.12 4.45
CA GLU B 147 3.97 8.67 5.76
C GLU B 147 3.54 7.59 6.77
N LEU B 148 2.81 6.56 6.32
CA LEU B 148 2.49 5.44 7.20
C LEU B 148 3.76 4.73 7.65
N LEU B 149 4.70 4.54 6.73
CA LEU B 149 5.98 3.94 7.06
C LEU B 149 6.78 4.81 8.02
N LYS B 150 6.79 6.13 7.79
CA LYS B 150 7.48 7.04 8.71
C LYS B 150 6.84 7.01 10.10
N ILE B 151 5.50 6.96 10.16
CA ILE B 151 4.81 6.93 11.45
C ILE B 151 5.14 5.66 12.21
N ARG B 152 5.26 4.54 11.50
CA ARG B 152 5.62 3.29 12.16
C ARG B 152 6.98 3.40 12.83
N ASN B 153 7.94 3.99 12.14
CA ASN B 153 9.26 4.19 12.75
C ASN B 153 9.21 5.17 13.91
N GLU B 154 8.43 6.26 13.79
CA GLU B 154 8.28 7.19 14.91
C GLU B 154 7.61 6.55 16.11
N TYR B 155 6.83 5.48 15.90
CA TYR B 155 6.18 4.78 16.99
C TYR B 155 7.12 3.79 17.65
N MET B 156 7.86 3.02 16.85
CA MET B 156 8.84 2.10 17.40
C MET B 156 9.95 2.83 18.16
N LYS B 157 10.12 4.12 17.93
CA LYS B 157 11.08 4.93 18.70
C LYS B 157 10.36 5.91 19.61
N SER C 124 10.00 9.44 -19.72
CA SER C 124 9.75 9.02 -18.34
C SER C 124 9.61 10.22 -17.41
N VAL C 125 8.81 10.06 -16.36
CA VAL C 125 8.58 11.10 -15.37
C VAL C 125 9.18 10.65 -14.05
N ILE C 126 10.08 11.46 -13.50
CA ILE C 126 10.79 11.10 -12.29
C ILE C 126 10.54 12.18 -11.25
N ARG C 127 10.17 11.76 -10.04
CA ARG C 127 9.82 12.70 -8.98
C ARG C 127 10.57 12.31 -7.71
N PHE C 128 10.88 13.31 -6.89
CA PHE C 128 11.50 13.06 -5.61
C PHE C 128 10.46 12.99 -4.50
N PHE C 129 10.73 12.13 -3.53
CA PHE C 129 9.95 11.98 -2.31
C PHE C 129 10.90 12.03 -1.12
N ASP C 130 10.49 12.75 -0.09
CA ASP C 130 11.19 12.68 1.19
C ASP C 130 10.94 11.32 1.81
N VAL C 131 12.01 10.58 2.07
CA VAL C 131 11.90 9.24 2.63
C VAL C 131 12.71 9.15 3.92
N THR C 132 12.76 10.24 4.68
CA THR C 132 13.63 10.27 5.85
C THR C 132 13.27 9.16 6.83
N GLY C 133 14.30 8.47 7.32
CA GLY C 133 14.08 7.40 8.28
C GLY C 133 13.52 6.11 7.72
N LEU C 134 13.33 6.00 6.41
CA LEU C 134 12.87 4.76 5.81
C LEU C 134 14.04 3.81 5.55
N SER C 135 13.87 2.55 5.92
CA SER C 135 14.85 1.52 5.62
C SER C 135 14.74 1.16 4.14
N GLU C 136 15.77 0.48 3.63
CA GLU C 136 15.72 -0.03 2.26
C GLU C 136 14.49 -0.90 2.03
N LYS C 137 14.08 -1.68 3.03
CA LYS C 137 12.89 -2.51 2.86
C LYS C 137 11.61 -1.68 2.81
N ASP C 138 11.53 -0.58 3.58
CA ASP C 138 10.40 0.34 3.40
C ASP C 138 10.41 0.96 2.00
N ILE C 139 11.59 1.34 1.51
CA ILE C 139 11.71 1.87 0.16
C ILE C 139 11.16 0.86 -0.84
N GLU C 140 11.60 -0.40 -0.73
CA GLU C 140 11.10 -1.45 -1.61
C GLU C 140 9.57 -1.52 -1.60
N ARG C 141 8.95 -1.34 -0.42
CA ARG C 141 7.50 -1.35 -0.36
C ARG C 141 6.89 -0.19 -1.15
N VAL C 142 7.52 1.00 -1.07
CA VAL C 142 7.08 2.15 -1.85
C VAL C 142 7.18 1.88 -3.35
N LYS C 143 8.35 1.38 -3.81
CA LYS C 143 8.50 1.00 -5.22
C LYS C 143 7.42 0.02 -5.67
N GLU C 144 7.11 -0.98 -4.83
CA GLU C 144 6.07 -1.94 -5.18
C GLU C 144 4.70 -1.28 -5.30
N GLU C 145 4.40 -0.32 -4.40
CA GLU C 145 3.15 0.41 -4.51
C GLU C 145 3.07 1.19 -5.83
N ILE C 146 4.16 1.86 -6.20
CA ILE C 146 4.22 2.55 -7.48
C ILE C 146 3.98 1.58 -8.64
N GLU C 147 4.60 0.39 -8.58
CA GLU C 147 4.41 -0.61 -9.62
C GLU C 147 2.95 -1.03 -9.75
N LEU C 148 2.29 -1.29 -8.62
CA LEU C 148 0.87 -1.63 -8.64
C LEU C 148 0.03 -0.50 -9.25
N LEU C 149 0.35 0.75 -8.92
CA LEU C 149 -0.39 1.87 -9.46
C LEU C 149 -0.22 1.98 -10.97
N LYS C 150 1.03 1.78 -11.46
CA LYS C 150 1.26 1.75 -12.90
C LYS C 150 0.48 0.63 -13.59
N ILE C 151 0.43 -0.56 -12.97
CA ILE C 151 -0.31 -1.67 -13.58
C ILE C 151 -1.78 -1.34 -13.70
N ARG C 152 -2.35 -0.70 -12.67
CA ARG C 152 -3.76 -0.30 -12.72
C ARG C 152 -4.02 0.65 -13.90
N ASN C 153 -3.09 1.55 -14.20
CA ASN C 153 -3.24 2.43 -15.36
C ASN C 153 -3.11 1.66 -16.67
N GLU C 154 -2.22 0.66 -16.73
CA GLU C 154 -2.13 -0.18 -17.91
C GLU C 154 -3.43 -0.96 -18.10
N TYR C 155 -3.94 -1.54 -17.01
CA TYR C 155 -5.14 -2.37 -17.07
C TYR C 155 -6.34 -1.58 -17.57
N MET C 156 -6.40 -0.28 -17.26
CA MET C 156 -7.48 0.56 -17.77
C MET C 156 -7.45 0.62 -19.31
N LYS C 157 -6.26 0.57 -19.91
CA LYS C 157 -6.18 0.47 -21.36
C LYS C 157 -6.67 -0.88 -21.87
N LEU C 158 -6.75 -1.88 -20.99
CA LEU C 158 -7.17 -3.25 -21.32
C LEU C 158 -6.11 -3.96 -22.17
N SER D 124 -15.73 -18.49 -5.13
CA SER D 124 -14.67 -17.53 -4.82
C SER D 124 -13.97 -17.89 -3.51
N VAL D 125 -13.07 -17.02 -3.06
CA VAL D 125 -12.29 -17.23 -1.83
C VAL D 125 -12.37 -15.98 -0.97
N ILE D 126 -12.75 -16.17 0.29
CA ILE D 126 -12.94 -15.10 1.26
C ILE D 126 -12.17 -15.47 2.52
N ARG D 127 -11.48 -14.50 3.11
CA ARG D 127 -10.62 -14.71 4.28
C ARG D 127 -10.97 -13.69 5.33
N PHE D 128 -10.96 -14.11 6.60
CA PHE D 128 -11.21 -13.20 7.70
C PHE D 128 -9.92 -12.54 8.12
N PHE D 129 -9.98 -11.22 8.35
CA PHE D 129 -8.86 -10.44 8.84
C PHE D 129 -9.32 -9.71 10.09
N ASP D 130 -8.38 -9.51 11.01
CA ASP D 130 -8.63 -8.73 12.22
C ASP D 130 -8.32 -7.26 11.92
N VAL D 131 -9.35 -6.43 11.92
CA VAL D 131 -9.18 -5.02 11.60
C VAL D 131 -9.48 -4.19 12.82
N THR D 132 -9.21 -4.73 14.00
CA THR D 132 -9.51 -4.02 15.24
C THR D 132 -8.89 -2.64 15.23
N GLY D 133 -9.70 -1.63 15.56
CA GLY D 133 -9.23 -0.27 15.65
C GLY D 133 -9.23 0.51 14.36
N LEU D 134 -9.42 -0.15 13.21
CA LEU D 134 -9.37 0.53 11.93
C LEU D 134 -10.67 1.27 11.65
N SER D 135 -10.56 2.48 11.12
CA SER D 135 -11.72 3.26 10.72
C SER D 135 -12.24 2.79 9.36
N GLU D 136 -13.48 3.18 9.05
CA GLU D 136 -14.04 2.81 7.75
C GLU D 136 -13.22 3.39 6.61
N LYS D 137 -12.64 4.58 6.80
CA LYS D 137 -11.74 5.12 5.78
C LYS D 137 -10.48 4.28 5.67
N ASP D 138 -10.01 3.73 6.81
CA ASP D 138 -8.90 2.79 6.77
C ASP D 138 -9.28 1.52 6.01
N ILE D 139 -10.47 0.99 6.29
CA ILE D 139 -10.91 -0.23 5.62
C ILE D 139 -10.88 -0.05 4.11
N GLU D 140 -11.41 1.08 3.63
CA GLU D 140 -11.42 1.31 2.19
C GLU D 140 -10.02 1.32 1.61
N ARG D 141 -9.04 1.81 2.37
CA ARG D 141 -7.66 1.76 1.89
C ARG D 141 -7.17 0.32 1.77
N VAL D 142 -7.55 -0.53 2.73
CA VAL D 142 -7.21 -1.94 2.66
C VAL D 142 -7.87 -2.60 1.46
N LYS D 143 -9.18 -2.36 1.29
CA LYS D 143 -9.89 -2.83 0.10
C LYS D 143 -9.21 -2.38 -1.19
N GLU D 144 -8.76 -1.12 -1.25
CA GLU D 144 -8.12 -0.68 -2.48
C GLU D 144 -6.79 -1.40 -2.70
N GLU D 145 -6.10 -1.77 -1.62
CA GLU D 145 -4.87 -2.55 -1.77
C GLU D 145 -5.18 -3.93 -2.32
N ILE D 146 -6.24 -4.56 -1.83
CA ILE D 146 -6.66 -5.85 -2.38
C ILE D 146 -6.94 -5.73 -3.87
N GLU D 147 -7.66 -4.68 -4.28
CA GLU D 147 -7.99 -4.50 -5.69
C GLU D 147 -6.73 -4.29 -6.55
N LEU D 148 -5.75 -3.52 -6.06
CA LEU D 148 -4.49 -3.35 -6.79
C LEU D 148 -3.83 -4.69 -7.04
N LEU D 149 -3.82 -5.56 -6.02
CA LEU D 149 -3.24 -6.89 -6.17
C LEU D 149 -4.04 -7.74 -7.16
N LYS D 150 -5.37 -7.70 -7.07
CA LYS D 150 -6.20 -8.47 -8.00
C LYS D 150 -6.01 -7.98 -9.43
N ILE D 151 -5.90 -6.67 -9.62
CA ILE D 151 -5.66 -6.12 -10.95
C ILE D 151 -4.35 -6.65 -11.52
N ARG D 152 -3.30 -6.70 -10.69
CA ARG D 152 -2.03 -7.25 -11.15
C ARG D 152 -2.18 -8.70 -11.56
N ASN D 153 -2.88 -9.51 -10.75
CA ASN D 153 -3.04 -10.92 -11.10
C ASN D 153 -3.85 -11.08 -12.39
N GLU D 154 -4.82 -10.19 -12.63
CA GLU D 154 -5.58 -10.23 -13.88
C GLU D 154 -4.71 -9.95 -15.09
N TYR D 155 -3.59 -9.25 -14.90
CA TYR D 155 -2.67 -9.06 -16.00
C TYR D 155 -1.71 -10.24 -16.13
N MET D 156 -1.22 -10.76 -15.01
CA MET D 156 -0.28 -11.88 -15.08
C MET D 156 -0.92 -13.14 -15.66
N LYS D 157 -2.24 -13.30 -15.47
CA LYS D 157 -2.91 -14.52 -15.91
C LYS D 157 -3.01 -14.62 -17.42
N LEU D 158 -2.75 -13.52 -18.14
CA LEU D 158 -2.94 -13.51 -19.58
C LEU D 158 -1.96 -14.42 -20.30
N LYS D 159 -0.80 -14.68 -19.69
CA LYS D 159 0.21 -15.55 -20.29
C LYS D 159 0.76 -16.54 -19.27
CL CL E . -15.37 -8.25 0.15
#